data_5FBD
#
_entry.id   5FBD
#
_cell.length_a   43.040
_cell.length_b   62.426
_cell.length_c   84.118
_cell.angle_alpha   90.00
_cell.angle_beta   90.00
_cell.angle_gamma   90.00
#
_symmetry.space_group_name_H-M   'P 21 21 21'
#
loop_
_entity.id
_entity.type
_entity.pdbx_description
1 polymer 'Nuclease S1'
2 non-polymer 'ZINC ION'
3 non-polymer 2-acetamido-2-deoxy-beta-D-glucopyranose
4 non-polymer 'PHOSPHATE ION'
5 non-polymer "2'-DEOXYCYTIDINE"
6 water water
#
_entity_poly.entity_id   1
_entity_poly.type   'polypeptide(L)'
_entity_poly.pdbx_seq_one_letter_code
;WGNLGHETVAYIAQSFVASSTESFCQNILGDDSTSYLANVATWADTYKYTDAGEFSKPYHFIDAQDNPPQSCGVDYDRDC
GSAGCSISAIQNYTNILLESPNGSEALNALKFVVHIIGDIHQPLHDENLEAGGNGIDVTYDGETTNLHHIWDTNMPEEAA
GGYSLSVAKTYADLLTERIKTGTYSSKKDSWTDGIDIKDPVSTSMIWAADANTYVCSTVLDDGLAYINSTDLSGEYYDKS
QPVFEELIAKAGYRLAAWLDLIASQPS
;
_entity_poly.pdbx_strand_id   A
#
# COMPACT_ATOMS: atom_id res chain seq x y z
N TRP A 1 3.37 4.10 2.39
CA TRP A 1 4.62 3.59 2.90
C TRP A 1 5.69 4.50 2.37
N GLY A 2 6.84 4.45 3.01
CA GLY A 2 8.08 4.99 2.46
C GLY A 2 8.56 4.07 1.39
N ASN A 3 9.71 4.43 0.85
CA ASN A 3 10.24 3.75 -0.31
C ASN A 3 10.42 2.28 -0.05
N LEU A 4 10.99 1.93 1.08
CA LEU A 4 11.25 0.54 1.46
C LEU A 4 9.94 -0.29 1.39
N GLY A 5 8.89 0.21 2.02
CA GLY A 5 7.63 -0.52 2.00
C GLY A 5 7.07 -0.71 0.62
N HIS A 6 7.14 0.31 -0.23
CA HIS A 6 6.62 0.17 -1.60
C HIS A 6 7.39 -0.85 -2.40
N GLU A 7 8.71 -0.83 -2.24
CA GLU A 7 9.54 -1.72 -3.01
C GLU A 7 9.34 -3.14 -2.53
N THR A 8 9.15 -3.32 -1.23
CA THR A 8 8.86 -4.62 -0.66
C THR A 8 7.55 -5.17 -1.21
N VAL A 9 6.50 -4.35 -1.22
CA VAL A 9 5.21 -4.75 -1.77
C VAL A 9 5.43 -5.23 -3.21
N ALA A 10 6.16 -4.43 -3.96
CA ALA A 10 6.47 -4.74 -5.35
C ALA A 10 7.19 -6.06 -5.56
N TYR A 11 8.23 -6.33 -4.75
CA TYR A 11 9.00 -7.57 -4.90
C TYR A 11 8.15 -8.77 -4.54
N ILE A 12 7.29 -8.67 -3.52
CA ILE A 12 6.32 -9.68 -3.20
C ILE A 12 5.43 -10.00 -4.39
N ALA A 13 4.92 -8.97 -5.04
CA ALA A 13 4.08 -9.18 -6.15
C ALA A 13 4.88 -9.91 -7.28
N GLN A 14 6.13 -9.51 -7.47
CA GLN A 14 6.97 -10.15 -8.48
C GLN A 14 7.07 -11.68 -8.26
N SER A 15 7.07 -12.07 -6.98
CA SER A 15 7.19 -13.44 -6.57
C SER A 15 5.94 -14.29 -6.80
N PHE A 16 4.78 -13.64 -7.08
CA PHE A 16 3.53 -14.35 -7.28
C PHE A 16 2.93 -14.26 -8.66
N VAL A 17 3.20 -13.17 -9.38
CA VAL A 17 2.58 -13.06 -10.72
C VAL A 17 2.96 -14.23 -11.68
N ALA A 18 2.03 -14.58 -12.56
CA ALA A 18 2.29 -15.55 -13.65
C ALA A 18 3.41 -15.01 -14.51
N SER A 19 4.22 -15.89 -15.14
CA SER A 19 5.27 -15.46 -16.08
C SER A 19 4.68 -14.59 -17.19
N SER A 20 3.46 -14.91 -17.64
CA SER A 20 2.85 -14.09 -18.72
C SER A 20 2.55 -12.65 -18.23
N THR A 21 2.22 -12.56 -16.96
CA THR A 21 1.98 -11.25 -16.30
C THR A 21 3.28 -10.49 -16.17
N GLU A 22 4.35 -11.19 -15.77
CA GLU A 22 5.67 -10.57 -15.79
C GLU A 22 5.97 -9.90 -17.13
N SER A 23 5.75 -10.64 -18.21
CA SER A 23 6.09 -10.18 -19.54
C SER A 23 5.25 -8.98 -19.95
N PHE A 24 3.96 -9.06 -19.63
CA PHE A 24 3.03 -7.99 -19.83
C PHE A 24 3.49 -6.71 -19.14
N CYS A 25 3.87 -6.83 -17.88
CA CYS A 25 4.35 -5.67 -17.09
C CYS A 25 5.67 -5.09 -17.54
N GLN A 26 6.66 -5.95 -17.76
CA GLN A 26 7.92 -5.50 -18.27
C GLN A 26 7.79 -4.73 -19.56
N ASN A 27 7.00 -5.22 -20.49
CA ASN A 27 6.90 -4.53 -21.79
C ASN A 27 6.28 -3.15 -21.63
N ILE A 28 5.25 -3.08 -20.81
CA ILE A 28 4.63 -1.76 -20.49
C ILE A 28 5.60 -0.79 -19.86
N LEU A 29 6.41 -1.28 -18.93
CA LEU A 29 7.33 -0.41 -18.22
C LEU A 29 8.61 -0.10 -19.01
N GLY A 30 8.89 -0.85 -20.07
CA GLY A 30 10.20 -0.75 -20.75
C GLY A 30 11.33 -1.13 -19.80
N ASP A 31 11.07 -2.09 -18.93
CA ASP A 31 12.02 -2.49 -17.90
C ASP A 31 12.00 -4.01 -17.90
N ASP A 32 13.06 -4.62 -18.43
CA ASP A 32 13.22 -6.07 -18.49
C ASP A 32 14.12 -6.58 -17.37
N SER A 33 14.40 -5.75 -16.37
CA SER A 33 15.26 -6.16 -15.25
C SER A 33 14.55 -7.07 -14.28
N THR A 34 15.30 -7.61 -13.36
CA THR A 34 14.78 -8.42 -12.30
C THR A 34 14.17 -7.61 -11.11
N SER A 35 14.07 -6.31 -11.24
CA SER A 35 13.39 -5.45 -10.24
C SER A 35 12.31 -4.59 -10.94
N TYR A 36 11.73 -5.08 -12.04
CA TYR A 36 10.79 -4.29 -12.92
C TYR A 36 9.65 -3.57 -12.09
N LEU A 37 8.99 -4.32 -11.18
CA LEU A 37 7.98 -3.63 -10.31
C LEU A 37 8.57 -2.73 -9.23
N ALA A 38 9.59 -3.22 -8.54
CA ALA A 38 10.17 -2.45 -7.45
C ALA A 38 10.78 -1.14 -7.93
N ASN A 39 11.40 -1.15 -9.13
CA ASN A 39 12.00 0.02 -9.72
C ASN A 39 11.05 1.23 -9.91
N VAL A 40 9.77 0.95 -10.18
CA VAL A 40 8.77 1.95 -10.45
C VAL A 40 7.84 2.20 -9.27
N ALA A 41 8.02 1.46 -8.16
CA ALA A 41 7.08 1.49 -7.07
C ALA A 41 7.05 2.78 -6.28
N THR A 42 8.09 3.62 -6.41
CA THR A 42 8.21 4.87 -5.63
C THR A 42 7.90 6.10 -6.51
N TRP A 43 7.83 5.94 -7.84
CA TRP A 43 7.72 7.09 -8.76
C TRP A 43 6.59 8.06 -8.38
N ALA A 44 5.41 7.50 -8.03
CA ALA A 44 4.23 8.34 -7.77
C ALA A 44 4.47 9.32 -6.63
N ASP A 45 5.38 8.98 -5.70
CA ASP A 45 5.63 9.84 -4.52
C ASP A 45 6.50 11.02 -4.81
N THR A 46 7.35 10.94 -5.83
CA THR A 46 8.05 12.15 -6.28
C THR A 46 7.32 12.87 -7.37
N TYR A 47 6.71 12.13 -8.28
CA TYR A 47 5.86 12.73 -9.34
C TYR A 47 4.82 13.73 -8.83
N LYS A 48 4.15 13.40 -7.71
CA LYS A 48 3.13 14.26 -7.17
C LYS A 48 3.56 15.64 -6.72
N TYR A 49 4.86 15.80 -6.50
CA TYR A 49 5.47 17.09 -6.18
C TYR A 49 6.04 17.88 -7.34
N THR A 50 5.85 17.40 -8.55
CA THR A 50 6.24 18.14 -9.75
C THR A 50 5.08 18.96 -10.28
N ASP A 51 5.34 19.87 -11.20
CA ASP A 51 4.27 20.69 -11.75
C ASP A 51 3.23 19.79 -12.44
N ALA A 52 3.71 18.92 -13.30
CA ALA A 52 2.87 18.05 -14.10
C ALA A 52 2.10 17.03 -13.26
N GLY A 53 2.62 16.63 -12.11
CA GLY A 53 2.03 15.58 -11.31
C GLY A 53 1.20 15.97 -10.12
N GLU A 54 1.14 17.27 -9.82
CA GLU A 54 0.43 17.79 -8.65
C GLU A 54 -1.02 17.27 -8.54
N PHE A 55 -1.66 17.11 -9.69
CA PHE A 55 -3.09 16.61 -9.76
C PHE A 55 -3.24 15.27 -9.01
N SER A 56 -2.15 14.53 -8.91
CA SER A 56 -2.19 13.14 -8.42
C SER A 56 -1.89 12.98 -6.94
N LYS A 57 -1.57 14.08 -6.25
CA LYS A 57 -1.33 14.00 -4.80
C LYS A 57 -2.48 13.32 -4.04
N PRO A 58 -3.74 13.67 -4.33
CA PRO A 58 -4.80 13.03 -3.54
C PRO A 58 -5.03 11.55 -3.76
N TYR A 59 -4.48 11.01 -4.85
CA TYR A 59 -4.61 9.60 -5.16
C TYR A 59 -3.91 8.65 -4.21
N HIS A 60 -3.22 9.14 -3.21
CA HIS A 60 -2.43 8.27 -2.34
C HIS A 60 -3.19 7.73 -1.13
N PHE A 61 -4.37 8.28 -0.88
CA PHE A 61 -5.08 7.95 0.34
C PHE A 61 -6.58 8.14 0.16
N ILE A 62 -7.33 7.66 1.13
CA ILE A 62 -8.76 7.98 1.24
C ILE A 62 -9.00 8.38 2.68
N ASP A 63 -9.42 9.63 2.87
CA ASP A 63 -9.50 10.24 4.18
C ASP A 63 -10.78 9.79 4.90
N ALA A 64 -10.75 8.59 5.47
CA ALA A 64 -11.93 8.07 6.15
C ALA A 64 -12.40 8.98 7.31
N GLN A 65 -13.66 9.42 7.23
CA GLN A 65 -14.27 10.32 8.23
C GLN A 65 -14.96 9.45 9.27
N ASP A 66 -14.14 8.71 10.00
CA ASP A 66 -14.66 7.85 11.07
C ASP A 66 -14.25 8.40 12.44
N ASN A 67 -14.30 7.58 13.48
CA ASN A 67 -14.08 8.05 14.84
C ASN A 67 -13.16 7.10 15.66
N PRO A 68 -11.87 7.04 15.30
CA PRO A 68 -11.01 6.03 15.91
C PRO A 68 -10.49 6.50 17.26
N PRO A 69 -10.11 5.60 18.17
CA PRO A 69 -10.10 4.17 17.96
C PRO A 69 -11.43 3.45 18.23
N GLN A 70 -12.47 4.13 18.66
CA GLN A 70 -13.64 3.37 19.04
C GLN A 70 -14.63 3.04 17.91
N SER A 71 -14.59 3.80 16.79
CA SER A 71 -15.40 3.44 15.61
C SER A 71 -14.63 3.67 14.32
N CYS A 72 -14.42 2.64 13.51
CA CYS A 72 -13.74 2.81 12.20
C CYS A 72 -14.65 2.44 11.04
N GLY A 73 -14.42 3.07 9.91
CA GLY A 73 -15.08 2.66 8.68
C GLY A 73 -14.73 3.60 7.57
N VAL A 74 -14.76 3.09 6.35
CA VAL A 74 -14.48 3.88 5.15
C VAL A 74 -15.71 3.81 4.28
N ASP A 75 -16.00 4.88 3.57
CA ASP A 75 -17.15 4.91 2.67
C ASP A 75 -16.70 5.71 1.44
N TYR A 76 -16.75 5.09 0.25
CA TYR A 76 -16.22 5.68 -0.98
C TYR A 76 -16.74 7.10 -1.28
N ASP A 77 -18.07 7.23 -1.41
CA ASP A 77 -18.61 8.51 -1.77
C ASP A 77 -18.45 9.56 -0.66
N ARG A 78 -18.54 9.15 0.60
CA ARG A 78 -18.34 10.08 1.69
C ARG A 78 -16.92 10.61 1.75
N ASP A 79 -15.96 9.69 1.53
CA ASP A 79 -14.57 9.93 1.90
C ASP A 79 -13.65 10.31 0.73
N CYS A 80 -13.97 9.90 -0.48
CA CYS A 80 -13.04 10.04 -1.58
C CYS A 80 -12.68 11.51 -1.87
N GLY A 81 -13.73 12.26 -2.13
CA GLY A 81 -13.63 13.68 -2.41
C GLY A 81 -13.63 13.97 -3.90
N SER A 82 -13.92 15.20 -4.21
CA SER A 82 -14.09 15.61 -5.60
C SER A 82 -12.80 15.71 -6.44
N ALA A 83 -11.64 15.73 -5.80
CA ALA A 83 -10.36 15.63 -6.56
C ALA A 83 -9.75 14.21 -6.66
N GLY A 84 -10.52 13.20 -6.29
CA GLY A 84 -10.02 11.79 -6.36
C GLY A 84 -9.35 11.30 -5.09
N CYS A 85 -8.99 10.04 -5.12
CA CYS A 85 -8.50 9.36 -3.96
C CYS A 85 -7.93 8.05 -4.39
N SER A 86 -7.38 7.30 -3.46
CA SER A 86 -6.76 6.03 -3.82
C SER A 86 -7.68 5.08 -4.57
N ILE A 87 -8.93 4.98 -4.08
CA ILE A 87 -9.93 4.15 -4.70
C ILE A 87 -10.29 4.54 -6.15
N SER A 88 -10.49 5.84 -6.35
CA SER A 88 -10.83 6.36 -7.69
C SER A 88 -9.66 6.19 -8.67
N ALA A 89 -8.44 6.35 -8.17
CA ALA A 89 -7.22 6.16 -8.96
C ALA A 89 -7.10 4.67 -9.36
N ILE A 90 -7.35 3.75 -8.40
CA ILE A 90 -7.35 2.33 -8.74
C ILE A 90 -8.32 2.03 -9.88
N GLN A 91 -9.53 2.53 -9.77
CA GLN A 91 -10.47 2.38 -10.88
C GLN A 91 -9.96 2.98 -12.20
N ASN A 92 -9.48 4.21 -12.17
CA ASN A 92 -9.06 4.92 -13.41
C ASN A 92 -7.91 4.19 -14.12
N TYR A 93 -6.88 3.90 -13.35
CA TYR A 93 -5.65 3.32 -13.89
C TYR A 93 -5.78 1.85 -14.23
N THR A 94 -6.59 1.09 -13.47
CA THR A 94 -6.85 -0.24 -13.83
C THR A 94 -7.58 -0.29 -15.18
N ASN A 95 -8.61 0.53 -15.30
CA ASN A 95 -9.34 0.60 -16.55
C ASN A 95 -8.48 1.04 -17.74
N ILE A 96 -7.59 1.99 -17.57
CA ILE A 96 -6.63 2.29 -18.67
C ILE A 96 -5.89 1.02 -19.09
N LEU A 97 -5.41 0.25 -18.13
CA LEU A 97 -4.64 -0.96 -18.46
C LEU A 97 -5.45 -2.09 -19.11
N LEU A 98 -6.70 -2.21 -18.71
CA LEU A 98 -7.62 -3.14 -19.32
C LEU A 98 -8.03 -2.74 -20.76
N GLU A 99 -8.18 -1.45 -21.03
CA GLU A 99 -8.70 -0.98 -22.31
C GLU A 99 -7.59 -0.66 -23.32
N SER A 100 -6.54 -0.04 -22.82
CA SER A 100 -5.44 0.54 -23.64
C SER A 100 -4.02 0.25 -23.08
N PRO A 101 -3.69 -1.03 -22.96
CA PRO A 101 -2.39 -1.37 -22.40
C PRO A 101 -1.25 -1.00 -23.34
N ASN A 102 -1.54 -0.81 -24.66
CA ASN A 102 -0.51 -0.41 -25.60
C ASN A 102 -0.48 1.09 -25.89
N GLY A 103 -1.31 1.86 -25.16
CA GLY A 103 -1.38 3.29 -25.32
C GLY A 103 -0.39 4.04 -24.44
N SER A 104 -0.34 5.36 -24.64
CA SER A 104 0.69 6.15 -23.98
C SER A 104 0.44 6.35 -22.51
N GLU A 105 -0.80 6.12 -22.05
CA GLU A 105 -1.14 6.22 -20.62
C GLU A 105 -0.83 4.98 -19.79
N ALA A 106 -0.52 3.85 -20.46
CA ALA A 106 -0.29 2.57 -19.75
C ALA A 106 0.86 2.60 -18.78
N LEU A 107 1.99 3.20 -19.20
CA LEU A 107 3.15 3.23 -18.36
C LEU A 107 2.87 3.86 -16.97
N ASN A 108 2.32 5.06 -16.95
CA ASN A 108 2.00 5.75 -15.66
C ASN A 108 0.88 5.03 -14.94
N ALA A 109 -0.09 4.50 -15.70
CA ALA A 109 -1.14 3.69 -15.02
C ALA A 109 -0.57 2.54 -14.18
N LEU A 110 0.30 1.73 -14.79
CA LEU A 110 0.93 0.63 -14.09
C LEU A 110 1.74 1.09 -12.92
N LYS A 111 2.50 2.17 -13.08
CA LYS A 111 3.26 2.71 -11.95
C LYS A 111 2.34 3.14 -10.81
N PHE A 112 1.20 3.75 -11.16
CA PHE A 112 0.22 4.12 -10.20
C PHE A 112 -0.37 2.93 -9.45
N VAL A 113 -0.77 1.87 -10.17
CA VAL A 113 -1.39 0.72 -9.55
C VAL A 113 -0.43 0.08 -8.56
N VAL A 114 0.82 -0.12 -8.99
CA VAL A 114 1.85 -0.73 -8.16
C VAL A 114 2.02 0.04 -6.84
N HIS A 115 2.05 1.37 -6.95
CA HIS A 115 2.27 2.22 -5.77
C HIS A 115 1.02 2.26 -4.86
N ILE A 116 -0.12 2.53 -5.47
CA ILE A 116 -1.35 2.81 -4.72
C ILE A 116 -1.90 1.58 -4.05
N ILE A 117 -1.77 0.41 -4.65
CA ILE A 117 -2.20 -0.80 -3.91
C ILE A 117 -1.37 -0.95 -2.65
N GLY A 118 -0.08 -0.64 -2.69
CA GLY A 118 0.66 -0.57 -1.45
C GLY A 118 0.15 0.48 -0.46
N ASP A 119 -0.09 1.74 -0.93
CA ASP A 119 -0.55 2.82 0.00
C ASP A 119 -1.86 2.48 0.69
N ILE A 120 -2.79 1.83 -0.04
CA ILE A 120 -4.07 1.42 0.52
C ILE A 120 -3.90 0.53 1.75
N HIS A 121 -2.84 -0.26 1.76
CA HIS A 121 -2.58 -1.16 2.90
C HIS A 121 -1.88 -0.53 4.08
N GLN A 122 -1.53 0.75 4.02
CA GLN A 122 -0.97 1.47 5.14
C GLN A 122 -2.20 2.10 5.86
N PRO A 123 -2.55 1.61 7.10
CA PRO A 123 -3.82 1.99 7.73
C PRO A 123 -4.09 3.50 7.77
N LEU A 124 -3.04 4.31 8.00
CA LEU A 124 -3.24 5.77 8.08
C LEU A 124 -3.45 6.44 6.74
N HIS A 125 -3.25 5.72 5.64
CA HIS A 125 -3.71 6.18 4.30
C HIS A 125 -5.19 5.92 4.06
N ASP A 126 -5.87 5.41 5.09
CA ASP A 126 -7.35 5.13 5.04
C ASP A 126 -7.97 5.79 6.28
N GLU A 127 -7.53 7.02 6.57
CA GLU A 127 -7.96 7.71 7.81
C GLU A 127 -7.82 9.21 7.69
N ASN A 128 -8.85 9.97 8.04
CA ASN A 128 -8.83 11.42 7.92
C ASN A 128 -8.08 12.14 9.06
N LEU A 129 -8.16 11.58 10.27
CA LEU A 129 -7.70 12.27 11.51
C LEU A 129 -6.30 12.83 11.37
N GLU A 130 -6.20 14.16 11.58
CA GLU A 130 -4.92 14.87 11.60
C GLU A 130 -4.12 14.60 10.30
N ALA A 131 -4.80 14.70 9.15
CA ALA A 131 -4.19 14.50 7.86
C ALA A 131 -3.56 13.09 7.77
N GLY A 132 -4.30 12.05 8.12
CA GLY A 132 -3.76 10.70 8.10
C GLY A 132 -2.67 10.52 9.13
N GLY A 133 -2.82 11.17 10.26
CA GLY A 133 -1.83 11.10 11.33
C GLY A 133 -0.59 11.98 11.15
N ASN A 134 -0.52 12.78 10.08
CA ASN A 134 0.66 13.65 9.86
C ASN A 134 0.75 14.76 10.95
N GLY A 135 -0.42 15.15 11.45
CA GLY A 135 -0.52 16.14 12.49
C GLY A 135 -0.35 15.67 13.91
N ILE A 136 -0.13 14.36 14.12
CA ILE A 136 0.12 13.80 15.43
C ILE A 136 1.62 13.66 15.63
N ASP A 137 2.18 14.54 16.46
CA ASP A 137 3.60 14.54 16.74
C ASP A 137 3.91 13.51 17.79
N VAL A 138 4.97 12.76 17.54
CA VAL A 138 5.41 11.68 18.42
C VAL A 138 6.91 11.69 18.53
N THR A 139 7.39 10.94 19.51
CA THR A 139 8.81 10.63 19.70
C THR A 139 9.04 9.18 19.30
N TYR A 140 10.09 8.96 18.53
CA TYR A 140 10.48 7.68 18.09
C TYR A 140 12.02 7.61 18.20
N ASP A 141 12.53 6.72 19.05
CA ASP A 141 13.97 6.57 19.30
C ASP A 141 14.61 7.93 19.60
N GLY A 142 13.91 8.71 20.42
CA GLY A 142 14.38 9.99 20.90
C GLY A 142 14.36 11.14 19.95
N GLU A 143 13.77 10.95 18.76
CA GLU A 143 13.71 12.02 17.75
C GLU A 143 12.22 12.31 17.52
N THR A 144 11.89 13.58 17.34
CA THR A 144 10.54 14.01 17.12
C THR A 144 10.18 13.72 15.66
N THR A 145 9.03 13.08 15.48
CA THR A 145 8.52 12.81 14.12
C THR A 145 7.00 12.85 14.23
N ASN A 146 6.31 12.17 13.33
CA ASN A 146 4.88 12.14 13.40
C ASN A 146 4.40 10.72 13.17
N LEU A 147 3.14 10.48 13.55
CA LEU A 147 2.57 9.13 13.55
C LEU A 147 2.49 8.53 12.15
N HIS A 148 2.14 9.35 11.16
CA HIS A 148 2.17 8.89 9.78
C HIS A 148 3.58 8.42 9.34
N HIS A 149 4.61 9.21 9.67
CA HIS A 149 5.98 8.95 9.24
C HIS A 149 6.52 7.62 9.83
N ILE A 150 6.17 7.36 11.08
CA ILE A 150 6.64 6.11 11.69
C ILE A 150 6.01 4.85 11.06
N TRP A 151 4.73 4.91 10.72
CA TRP A 151 4.05 3.83 9.99
C TRP A 151 4.55 3.70 8.57
N ASP A 152 4.81 4.83 7.90
CA ASP A 152 5.33 4.75 6.54
C ASP A 152 6.74 4.27 6.51
N THR A 153 7.56 4.80 7.43
CA THR A 153 9.03 4.73 7.29
C THR A 153 9.79 4.17 8.46
N ASN A 154 9.69 4.81 9.61
CA ASN A 154 10.54 4.42 10.75
C ASN A 154 10.39 2.94 11.15
N MET A 155 9.15 2.49 11.35
CA MET A 155 8.96 1.09 11.76
C MET A 155 9.24 0.08 10.68
N PRO A 156 8.73 0.27 9.44
CA PRO A 156 9.14 -0.73 8.42
C PRO A 156 10.66 -0.85 8.18
N GLU A 157 11.40 0.29 8.17
CA GLU A 157 12.84 0.25 7.95
C GLU A 157 13.56 -0.42 9.11
N GLU A 158 13.07 -0.20 10.32
CA GLU A 158 13.62 -0.87 11.51
C GLU A 158 13.46 -2.39 11.37
N ALA A 159 12.26 -2.80 10.99
CA ALA A 159 12.00 -4.23 10.85
C ALA A 159 12.80 -4.88 9.72
N ALA A 160 12.96 -4.17 8.61
CA ALA A 160 13.63 -4.71 7.42
C ALA A 160 15.14 -4.69 7.58
N GLY A 161 15.61 -3.85 8.49
CA GLY A 161 17.03 -3.59 8.71
C GLY A 161 17.68 -2.64 7.73
N GLY A 162 16.93 -1.68 7.22
CA GLY A 162 17.48 -0.70 6.28
C GLY A 162 16.45 -0.21 5.28
N TYR A 163 16.94 0.33 4.16
CA TYR A 163 16.13 1.03 3.18
C TYR A 163 16.47 0.87 1.71
N SER A 164 17.53 0.14 1.37
CA SER A 164 17.95 -0.04 -0.01
C SER A 164 17.04 -1.00 -0.76
N LEU A 165 17.15 -1.03 -2.08
CA LEU A 165 16.46 -2.04 -2.91
C LEU A 165 16.83 -3.45 -2.51
N SER A 166 18.11 -3.68 -2.23
CA SER A 166 18.53 -5.00 -1.75
C SER A 166 17.84 -5.37 -0.44
N VAL A 167 17.82 -4.45 0.52
CA VAL A 167 17.08 -4.70 1.78
C VAL A 167 15.59 -4.97 1.55
N ALA A 168 14.99 -4.22 0.62
CA ALA A 168 13.59 -4.48 0.26
C ALA A 168 13.39 -5.89 -0.33
N LYS A 169 14.30 -6.33 -1.20
CA LYS A 169 14.16 -7.66 -1.82
C LYS A 169 14.26 -8.81 -0.78
N THR A 170 15.15 -8.64 0.19
CA THR A 170 15.36 -9.62 1.24
C THR A 170 14.12 -9.67 2.14
N TYR A 171 13.55 -8.51 2.43
CA TYR A 171 12.34 -8.42 3.26
C TYR A 171 11.15 -9.00 2.58
N ALA A 172 11.02 -8.70 1.30
CA ALA A 172 9.99 -9.32 0.48
C ALA A 172 10.18 -10.83 0.48
N ASP A 173 11.42 -11.31 0.33
CA ASP A 173 11.66 -12.76 0.29
C ASP A 173 11.16 -13.39 1.65
N LEU A 174 11.46 -12.72 2.76
CA LEU A 174 11.02 -13.20 4.08
C LEU A 174 9.50 -13.30 4.16
N LEU A 175 8.82 -12.24 3.74
CA LEU A 175 7.32 -12.25 3.77
C LEU A 175 6.68 -13.21 2.76
N THR A 176 7.33 -13.36 1.62
CA THR A 176 6.92 -14.31 0.59
C THR A 176 6.94 -15.74 1.18
N GLU A 177 8.00 -16.15 1.84
CA GLU A 177 7.99 -17.50 2.47
C GLU A 177 6.87 -17.63 3.52
N ARG A 178 6.62 -16.55 4.32
CA ARG A 178 5.47 -16.53 5.22
C ARG A 178 4.16 -16.83 4.52
N ILE A 179 3.98 -16.28 3.31
CA ILE A 179 2.80 -16.58 2.54
C ILE A 179 2.76 -18.03 2.07
N LYS A 180 3.85 -18.48 1.48
CA LYS A 180 3.86 -19.79 0.80
C LYS A 180 3.76 -20.94 1.82
N THR A 181 4.60 -20.89 2.83
CA THR A 181 4.71 -22.02 3.75
C THR A 181 4.60 -21.65 5.20
N GLY A 182 4.71 -20.39 5.52
CA GLY A 182 4.80 -19.97 6.90
C GLY A 182 3.50 -19.54 7.53
N THR A 183 3.61 -18.52 8.35
CA THR A 183 2.52 -18.15 9.22
C THR A 183 1.29 -17.54 8.53
N TYR A 184 1.40 -17.12 7.27
CA TYR A 184 0.23 -16.63 6.57
C TYR A 184 -0.35 -17.65 5.64
N SER A 185 0.21 -18.85 5.57
CA SER A 185 -0.10 -19.78 4.52
C SER A 185 -1.56 -20.22 4.60
N SER A 186 -2.09 -20.37 5.79
CA SER A 186 -3.49 -20.75 5.94
C SER A 186 -4.48 -19.63 5.60
N LYS A 187 -4.09 -18.40 5.80
CA LYS A 187 -5.00 -17.26 5.57
C LYS A 187 -4.93 -16.65 4.20
N LYS A 188 -3.86 -16.86 3.48
CA LYS A 188 -3.68 -16.16 2.25
C LYS A 188 -4.65 -16.53 1.13
N ASP A 189 -5.22 -17.74 1.07
CA ASP A 189 -6.28 -17.96 0.05
C ASP A 189 -7.47 -16.97 0.26
N SER A 190 -7.79 -16.66 1.53
CA SER A 190 -8.87 -15.68 1.78
C SER A 190 -8.52 -14.22 1.43
N TRP A 191 -7.25 -13.94 1.25
CA TRP A 191 -6.81 -12.54 1.00
C TRP A 191 -7.25 -12.00 -0.34
N THR A 192 -7.60 -12.90 -1.27
CA THR A 192 -8.13 -12.48 -2.59
C THR A 192 -9.59 -12.77 -2.81
N ASP A 193 -10.29 -13.18 -1.77
CA ASP A 193 -11.74 -13.20 -1.84
C ASP A 193 -12.45 -11.94 -2.09
N GLY A 194 -13.42 -12.07 -2.98
CA GLY A 194 -14.17 -10.94 -3.45
C GLY A 194 -13.49 -10.12 -4.53
N ILE A 195 -12.25 -10.47 -4.91
CA ILE A 195 -11.53 -9.74 -5.98
C ILE A 195 -12.37 -9.77 -7.28
N ASP A 196 -12.59 -8.62 -7.89
CA ASP A 196 -13.41 -8.52 -9.10
C ASP A 196 -12.83 -7.42 -10.03
N ILE A 197 -12.16 -7.88 -11.11
CA ILE A 197 -11.56 -7.01 -12.10
C ILE A 197 -12.55 -6.07 -12.77
N LYS A 198 -13.82 -6.44 -12.80
CA LYS A 198 -14.89 -5.60 -13.38
C LYS A 198 -15.44 -4.59 -12.43
N ASP A 199 -15.01 -4.65 -11.16
CA ASP A 199 -15.44 -3.71 -10.13
C ASP A 199 -14.20 -3.30 -9.31
N PRO A 200 -13.41 -2.40 -9.85
CA PRO A 200 -12.25 -1.86 -9.09
C PRO A 200 -12.58 -1.10 -7.85
N VAL A 201 -13.68 -0.37 -7.87
CA VAL A 201 -14.10 0.37 -6.67
C VAL A 201 -14.42 -0.59 -5.52
N SER A 202 -15.29 -1.55 -5.76
CA SER A 202 -15.64 -2.50 -4.70
C SER A 202 -14.42 -3.25 -4.20
N THR A 203 -13.59 -3.70 -5.14
CA THR A 203 -12.40 -4.49 -4.79
C THR A 203 -11.42 -3.71 -3.92
N SER A 204 -11.06 -2.51 -4.38
CA SER A 204 -10.08 -1.73 -3.65
C SER A 204 -10.69 -1.23 -2.32
N MET A 205 -12.03 -1.03 -2.25
CA MET A 205 -12.69 -0.75 -0.96
C MET A 205 -12.59 -1.85 0.07
N ILE A 206 -12.63 -3.12 -0.38
CA ILE A 206 -12.39 -4.22 0.52
C ILE A 206 -11.02 -4.03 1.19
N TRP A 207 -10.04 -3.74 0.38
CA TRP A 207 -8.67 -3.67 0.89
C TRP A 207 -8.48 -2.46 1.81
N ALA A 208 -9.07 -1.32 1.43
CA ALA A 208 -9.00 -0.12 2.20
C ALA A 208 -9.74 -0.30 3.55
N ALA A 209 -10.91 -0.94 3.51
CA ALA A 209 -11.65 -1.24 4.73
C ALA A 209 -10.85 -2.18 5.64
N ASP A 210 -10.15 -3.17 5.06
CA ASP A 210 -9.31 -4.11 5.84
C ASP A 210 -8.22 -3.32 6.57
N ALA A 211 -7.49 -2.53 5.84
CA ALA A 211 -6.39 -1.75 6.44
C ALA A 211 -6.96 -0.79 7.52
N ASN A 212 -8.07 -0.13 7.18
CA ASN A 212 -8.68 0.83 8.08
C ASN A 212 -9.04 0.24 9.47
N THR A 213 -9.47 -1.03 9.55
CA THR A 213 -9.75 -1.67 10.86
C THR A 213 -8.60 -1.55 11.84
N TYR A 214 -7.38 -1.62 11.31
CA TYR A 214 -6.18 -1.54 12.11
C TYR A 214 -5.91 -0.14 12.66
N VAL A 215 -6.59 0.86 12.10
CA VAL A 215 -6.56 2.19 12.74
C VAL A 215 -7.07 2.11 14.19
N CYS A 216 -8.19 1.43 14.34
CA CYS A 216 -8.80 1.22 15.65
C CYS A 216 -8.13 0.16 16.52
N SER A 217 -7.72 -0.95 15.92
CA SER A 217 -7.21 -2.10 16.67
C SER A 217 -5.79 -1.90 17.10
N THR A 218 -5.01 -1.12 16.33
CA THR A 218 -3.56 -1.15 16.47
C THR A 218 -2.92 0.23 16.49
N VAL A 219 -3.27 1.06 15.52
CA VAL A 219 -2.61 2.35 15.37
C VAL A 219 -2.91 3.25 16.53
N LEU A 220 -4.20 3.36 16.87
CA LEU A 220 -4.68 4.36 17.86
C LEU A 220 -5.32 3.78 19.14
N ASP A 221 -5.32 2.45 19.30
CA ASP A 221 -6.02 1.87 20.47
C ASP A 221 -5.40 2.20 21.86
N ASP A 222 -4.12 2.57 21.88
CA ASP A 222 -3.51 3.05 23.11
C ASP A 222 -4.06 4.42 23.60
N GLY A 223 -4.75 5.16 22.73
CA GLY A 223 -5.26 6.46 23.08
C GLY A 223 -4.24 7.53 22.77
N LEU A 224 -4.72 8.72 22.51
CA LEU A 224 -3.83 9.81 22.04
C LEU A 224 -2.89 10.36 23.12
N ALA A 225 -3.31 10.30 24.38
CA ALA A 225 -2.41 10.66 25.48
C ALA A 225 -1.15 9.85 25.47
N TYR A 226 -1.29 8.53 25.35
CA TYR A 226 -0.18 7.58 25.30
C TYR A 226 0.73 7.85 24.10
N ILE A 227 0.10 8.01 22.94
CA ILE A 227 0.82 8.26 21.69
C ILE A 227 1.63 9.56 21.75
N ASN A 228 1.05 10.60 22.37
CA ASN A 228 1.66 11.93 22.58
C ASN A 228 2.90 11.95 23.50
N SER A 229 2.97 11.01 24.44
CA SER A 229 3.93 11.08 25.57
C SER A 229 4.92 9.93 25.72
N THR A 230 4.82 8.91 24.88
CA THR A 230 5.63 7.70 25.03
C THR A 230 6.50 7.55 23.80
N ASP A 231 7.74 7.13 24.01
CA ASP A 231 8.60 6.75 22.89
C ASP A 231 8.02 5.48 22.24
N LEU A 232 7.68 5.59 20.95
CA LEU A 232 6.97 4.54 20.26
C LEU A 232 7.86 3.46 19.64
N SER A 233 9.17 3.54 19.83
CA SER A 233 10.13 2.52 19.37
C SER A 233 10.17 1.32 20.29
N GLY A 234 9.50 1.40 21.43
CA GLY A 234 9.43 0.28 22.35
C GLY A 234 8.28 -0.66 22.11
N GLU A 235 7.39 -0.74 23.09
CA GLU A 235 6.29 -1.70 23.05
C GLU A 235 5.31 -1.41 21.89
N TYR A 236 5.20 -0.13 21.51
CA TYR A 236 4.36 0.24 20.34
C TYR A 236 4.88 -0.38 19.04
N TYR A 237 6.17 -0.22 18.78
CA TYR A 237 6.81 -0.94 17.71
C TYR A 237 6.57 -2.46 17.79
N ASP A 238 6.69 -3.04 18.99
CA ASP A 238 6.63 -4.46 19.13
C ASP A 238 5.28 -5.01 18.68
N LYS A 239 4.20 -4.38 19.09
CA LYS A 239 2.85 -4.78 18.65
C LYS A 239 2.48 -4.35 17.22
N SER A 240 3.11 -3.31 16.71
CA SER A 240 2.81 -2.78 15.38
C SER A 240 3.40 -3.67 14.29
N GLN A 241 4.58 -4.21 14.59
CA GLN A 241 5.33 -4.95 13.64
C GLN A 241 4.57 -6.13 12.95
N PRO A 242 3.93 -7.03 13.71
CA PRO A 242 3.18 -8.09 13.01
C PRO A 242 2.01 -7.61 12.14
N VAL A 243 1.41 -6.51 12.53
CA VAL A 243 0.33 -5.86 11.82
C VAL A 243 0.83 -5.24 10.51
N PHE A 244 1.90 -4.44 10.54
CA PHE A 244 2.34 -3.86 9.28
C PHE A 244 3.00 -4.91 8.37
N GLU A 245 3.65 -5.94 8.93
CA GLU A 245 4.14 -7.04 8.13
C GLU A 245 3.08 -7.84 7.43
N GLU A 246 1.98 -8.13 8.12
CA GLU A 246 0.87 -8.80 7.46
C GLU A 246 0.23 -7.91 6.37
N LEU A 247 0.09 -6.62 6.63
CA LEU A 247 -0.49 -5.73 5.63
C LEU A 247 0.41 -5.54 4.39
N ILE A 248 1.74 -5.49 4.59
CA ILE A 248 2.70 -5.43 3.46
C ILE A 248 2.62 -6.74 2.62
N ALA A 249 2.56 -7.90 3.30
CA ALA A 249 2.38 -9.18 2.63
C ALA A 249 1.09 -9.22 1.83
N LYS A 250 0.00 -8.83 2.47
CA LYS A 250 -1.30 -8.75 1.81
C LYS A 250 -1.28 -7.78 0.63
N ALA A 251 -0.63 -6.61 0.79
CA ALA A 251 -0.55 -5.68 -0.36
C ALA A 251 0.17 -6.34 -1.57
N GLY A 252 1.26 -7.03 -1.32
CA GLY A 252 2.01 -7.69 -2.37
C GLY A 252 1.26 -8.82 -3.04
N TYR A 253 0.52 -9.59 -2.24
CA TYR A 253 -0.21 -10.78 -2.71
C TYR A 253 -1.42 -10.34 -3.53
N ARG A 254 -2.08 -9.30 -3.06
CA ARG A 254 -3.24 -8.73 -3.71
C ARG A 254 -2.82 -7.97 -4.98
N LEU A 255 -1.71 -7.27 -4.94
CA LEU A 255 -1.20 -6.58 -6.14
C LEU A 255 -0.93 -7.60 -7.26
N ALA A 256 -0.27 -8.68 -6.89
CA ALA A 256 0.01 -9.81 -7.82
C ALA A 256 -1.26 -10.37 -8.43
N ALA A 257 -2.25 -10.67 -7.61
CA ALA A 257 -3.50 -11.13 -8.14
C ALA A 257 -4.20 -10.14 -9.09
N TRP A 258 -4.16 -8.85 -8.73
CA TRP A 258 -4.73 -7.82 -9.55
C TRP A 258 -4.01 -7.68 -10.88
N LEU A 259 -2.68 -7.75 -10.85
CA LEU A 259 -1.88 -7.67 -12.06
C LEU A 259 -2.15 -8.86 -12.98
N ASP A 260 -2.30 -10.07 -12.40
CA ASP A 260 -2.63 -11.26 -13.20
C ASP A 260 -3.97 -11.07 -13.89
N LEU A 261 -4.98 -10.51 -13.20
CA LEU A 261 -6.26 -10.22 -13.80
C LEU A 261 -6.22 -9.23 -14.95
N ILE A 262 -5.47 -8.16 -14.76
CA ILE A 262 -5.22 -7.12 -15.76
C ILE A 262 -4.57 -7.76 -16.99
N ALA A 263 -3.51 -8.53 -16.77
CA ALA A 263 -2.74 -9.09 -17.87
C ALA A 263 -3.54 -10.14 -18.66
N SER A 264 -4.50 -10.77 -18.00
CA SER A 264 -5.41 -11.72 -18.64
C SER A 264 -6.30 -11.05 -19.70
N GLN A 265 -6.50 -9.73 -19.60
CA GLN A 265 -7.14 -8.89 -20.65
C GLN A 265 -8.52 -9.49 -20.96
N PRO A 266 -9.38 -9.55 -19.94
CA PRO A 266 -10.66 -10.25 -20.09
C PRO A 266 -11.65 -9.46 -20.97
N SER A 267 -12.39 -10.18 -21.80
CA SER A 267 -13.50 -9.62 -22.59
C SER A 267 -14.73 -9.29 -21.72
#